data_6N6N
#
_entry.id   6N6N
#
_cell.length_a   35.420
_cell.length_b   76.883
_cell.length_c   106.935
_cell.angle_alpha   90.00
_cell.angle_beta   92.54
_cell.angle_gamma   90.00
#
_symmetry.space_group_name_H-M   'P 1 21 1'
#
loop_
_entity.id
_entity.type
_entity.pdbx_description
1 polymer 'Signal recognition particle receptor FtsY'
2 non-polymer 'PHOSPHOMETHYLPHOSPHONIC ACID GUANYLATE ESTER'
3 non-polymer 'MAGNESIUM ION'
4 non-polymer 'ACETATE ION'
5 non-polymer GLYCEROL
6 water water
#
_entity_poly.entity_id   1
_entity_poly.type   'polypeptide(L)'
_entity_poly.pdbx_seq_one_letter_code
;GFARLKRSLLKTKENLGSGFISLFRGKKIDDDLFEELEEQLLIADVGVETTRKIITNLTEGASRKQLRDAEALYGLLKEE
MGEILAKVDEPLNVEGKAPFVILMVGVNGVGKTTTIGKLARQFEQQGKSVMLAAGDTFRAAAVEQLQVWGQRNNIPVIAQ
HTGADSASVIFDAIQAAKARNIDVLIADTAGRLQNKSHLMEELKKIVRVMKKLDVEAPHEVMLTIDASTGQNAVSQAKLF
HEAVGLTGITLTKLDGTAKGGVIFSVADQFGIPIRYIGVGERIEDLRPFKADDFIEALFARED
;
_entity_poly.pdbx_strand_id   A,B
#
# COMPACT_ATOMS: atom_id res chain seq x y z
N GLY A 1 -2.36 -1.35 8.26
CA GLY A 1 -1.64 -1.16 7.01
C GLY A 1 -2.21 -1.96 5.85
N PHE A 2 -1.67 -1.69 4.66
CA PHE A 2 -2.11 -2.33 3.42
C PHE A 2 -3.64 -2.38 3.33
N ALA A 3 -4.30 -1.28 3.70
CA ALA A 3 -5.75 -1.25 3.68
C ALA A 3 -6.28 -1.47 2.26
N ARG A 4 -5.63 -0.86 1.26
CA ARG A 4 -6.11 -0.99 -0.11
C ARG A 4 -6.03 -2.43 -0.59
N LEU A 5 -4.89 -3.08 -0.38
CA LEU A 5 -4.74 -4.45 -0.88
C LEU A 5 -5.60 -5.42 -0.07
N LYS A 6 -5.73 -5.19 1.24
CA LYS A 6 -6.60 -6.05 2.05
C LYS A 6 -8.00 -6.08 1.47
N ARG A 7 -8.53 -4.91 1.12
CA ARG A 7 -9.88 -4.87 0.55
C ARG A 7 -9.93 -5.65 -0.75
N SER A 8 -8.88 -5.57 -1.58
CA SER A 8 -8.95 -6.26 -2.86
C SER A 8 -8.80 -7.77 -2.68
N LEU A 9 -8.34 -8.22 -1.51
CA LEU A 9 -8.20 -9.64 -1.21
C LEU A 9 -9.21 -10.09 -0.17
N LEU A 10 -10.29 -9.33 0.01
CA LEU A 10 -11.25 -9.64 1.05
C LEU A 10 -11.81 -11.05 0.89
N LYS A 11 -12.26 -11.37 -0.31
CA LYS A 11 -12.85 -12.69 -0.55
C LYS A 11 -11.82 -13.79 -0.40
N THR A 12 -10.59 -13.55 -0.86
CA THR A 12 -9.54 -14.55 -0.72
C THR A 12 -9.16 -14.74 0.74
N LYS A 13 -9.18 -13.65 1.52
CA LYS A 13 -8.83 -13.73 2.94
C LYS A 13 -9.82 -14.55 3.74
N GLU A 14 -11.03 -14.77 3.20
CA GLU A 14 -12.01 -15.60 3.91
C GLU A 14 -11.50 -17.03 4.08
N ASN A 15 -10.66 -17.51 3.16
CA ASN A 15 -10.15 -18.87 3.20
C ASN A 15 -8.64 -18.97 3.41
N LEU A 16 -7.88 -17.92 3.12
CA LEU A 16 -6.44 -17.94 3.28
C LEU A 16 -5.99 -16.80 4.19
N GLY A 17 -4.79 -16.96 4.75
CA GLY A 17 -4.24 -15.97 5.65
C GLY A 17 -5.03 -15.82 6.93
N SER A 18 -5.58 -14.63 7.16
CA SER A 18 -6.40 -14.41 8.35
C SER A 18 -7.58 -15.36 8.41
N GLY A 19 -7.98 -15.94 7.28
CA GLY A 19 -9.03 -16.93 7.28
C GLY A 19 -8.68 -18.20 8.01
N PHE A 20 -7.39 -18.43 8.29
CA PHE A 20 -6.97 -19.59 9.05
C PHE A 20 -7.23 -19.45 10.54
N ILE A 21 -7.38 -18.22 11.05
CA ILE A 21 -7.44 -18.00 12.49
C ILE A 21 -8.63 -18.73 13.10
N SER A 22 -9.82 -18.50 12.55
CA SER A 22 -11.01 -19.17 13.07
C SER A 22 -10.89 -20.69 12.91
N LEU A 23 -10.15 -21.15 11.89
CA LEU A 23 -9.98 -22.58 11.68
C LEU A 23 -9.14 -23.20 12.78
N PHE A 24 -8.11 -22.49 13.24
CA PHE A 24 -7.20 -23.02 14.25
C PHE A 24 -7.66 -22.77 15.67
N ARG A 25 -8.53 -21.79 15.89
CA ARG A 25 -8.84 -21.35 17.24
C ARG A 25 -9.38 -22.48 18.10
N GLY A 26 -8.70 -22.73 19.22
CA GLY A 26 -9.12 -23.67 20.23
C GLY A 26 -8.93 -25.12 19.88
N LYS A 27 -8.30 -25.42 18.76
CA LYS A 27 -8.07 -26.79 18.33
C LYS A 27 -6.65 -27.22 18.63
N LYS A 28 -6.45 -28.53 18.66
CA LYS A 28 -5.14 -29.13 18.83
C LYS A 28 -4.58 -29.57 17.47
N ILE A 29 -3.28 -29.84 17.44
CA ILE A 29 -2.61 -30.29 16.23
C ILE A 29 -2.70 -31.80 16.16
N ASP A 30 -3.50 -32.31 15.24
CA ASP A 30 -3.63 -33.75 15.02
C ASP A 30 -3.96 -33.99 13.56
N ASP A 31 -4.15 -35.26 13.21
CA ASP A 31 -4.45 -35.61 11.82
C ASP A 31 -5.70 -34.89 11.33
N ASP A 32 -6.72 -34.80 12.19
CA ASP A 32 -7.95 -34.12 11.79
C ASP A 32 -7.69 -32.66 11.45
N LEU A 33 -6.85 -31.99 12.23
CA LEU A 33 -6.57 -30.58 11.98
C LEU A 33 -5.96 -30.40 10.59
N PHE A 34 -4.91 -31.18 10.28
CA PHE A 34 -4.27 -31.05 8.98
C PHE A 34 -5.21 -31.42 7.85
N GLU A 35 -6.12 -32.37 8.08
CA GLU A 35 -7.11 -32.68 7.04
C GLU A 35 -8.04 -31.50 6.82
N GLU A 36 -8.45 -30.82 7.90
CA GLU A 36 -9.25 -29.60 7.75
C GLU A 36 -8.48 -28.54 6.98
N LEU A 37 -7.22 -28.32 7.34
CA LEU A 37 -6.42 -27.31 6.66
C LEU A 37 -6.30 -27.63 5.18
N GLU A 38 -6.00 -28.89 4.85
CA GLU A 38 -5.91 -29.30 3.46
C GLU A 38 -7.19 -28.95 2.70
N GLU A 39 -8.35 -29.26 3.30
CA GLU A 39 -9.63 -28.96 2.65
C GLU A 39 -9.74 -27.47 2.34
N GLN A 40 -9.40 -26.62 3.32
CA GLN A 40 -9.57 -25.18 3.13
C GLN A 40 -8.61 -24.66 2.06
N LEU A 41 -7.40 -25.19 2.02
CA LEU A 41 -6.46 -24.79 0.96
C LEU A 41 -6.97 -25.21 -0.41
N LEU A 42 -7.51 -26.43 -0.52
CA LEU A 42 -8.05 -26.88 -1.79
C LEU A 42 -9.26 -26.03 -2.21
N ILE A 43 -10.11 -25.69 -1.25
CA ILE A 43 -11.25 -24.82 -1.54
C ILE A 43 -10.78 -23.46 -2.02
N ALA A 44 -9.64 -23.00 -1.52
CA ALA A 44 -9.07 -21.71 -1.93
C ALA A 44 -8.31 -21.78 -3.25
N ASP A 45 -8.42 -22.89 -3.98
CA ASP A 45 -7.81 -23.06 -5.29
C ASP A 45 -6.29 -23.06 -5.23
N VAL A 46 -5.72 -23.49 -4.09
CA VAL A 46 -4.27 -23.60 -3.97
C VAL A 46 -3.71 -24.76 -4.78
N GLY A 47 -4.53 -25.76 -5.10
CA GLY A 47 -4.08 -26.87 -5.91
C GLY A 47 -3.65 -28.06 -5.07
N VAL A 48 -3.78 -29.26 -5.66
CA VAL A 48 -3.51 -30.48 -4.93
C VAL A 48 -2.01 -30.62 -4.64
N GLU A 49 -1.19 -30.38 -5.66
CA GLU A 49 0.26 -30.58 -5.49
C GLU A 49 0.84 -29.56 -4.51
N THR A 50 0.45 -28.29 -4.64
CA THR A 50 0.99 -27.27 -3.76
C THR A 50 0.45 -27.42 -2.34
N THR A 51 -0.82 -27.82 -2.22
CA THR A 51 -1.40 -28.06 -0.89
C THR A 51 -0.65 -29.19 -0.18
N ARG A 52 -0.43 -30.30 -0.87
CA ARG A 52 0.28 -31.43 -0.26
C ARG A 52 1.66 -31.01 0.21
N LYS A 53 2.35 -30.18 -0.57
CA LYS A 53 3.67 -29.70 -0.17
C LYS A 53 3.57 -28.85 1.11
N ILE A 54 2.58 -27.96 1.17
CA ILE A 54 2.41 -27.12 2.35
C ILE A 54 2.14 -27.99 3.58
N ILE A 55 1.21 -28.94 3.44
CA ILE A 55 0.85 -29.80 4.57
C ILE A 55 2.06 -30.62 5.02
N THR A 56 2.80 -31.18 4.07
CA THR A 56 3.94 -32.02 4.42
C THR A 56 4.97 -31.22 5.22
N ASN A 57 5.36 -30.06 4.72
CA ASN A 57 6.37 -29.26 5.40
C ASN A 57 5.84 -28.70 6.71
N LEU A 58 4.57 -28.32 6.73
CA LEU A 58 3.97 -27.78 7.95
C LEU A 58 3.87 -28.87 9.02
N THR A 59 3.52 -30.09 8.62
CA THR A 59 3.45 -31.20 9.58
C THR A 59 4.82 -31.49 10.18
N GLU A 60 5.85 -31.57 9.34
CA GLU A 60 7.19 -31.86 9.84
C GLU A 60 7.69 -30.76 10.76
N GLY A 61 7.49 -29.50 10.38
CA GLY A 61 7.98 -28.39 11.19
C GLY A 61 7.33 -28.34 12.55
N ALA A 62 6.03 -28.61 12.61
CA ALA A 62 5.32 -28.60 13.90
C ALA A 62 5.75 -29.78 14.77
N SER A 63 6.00 -30.94 14.17
CA SER A 63 6.38 -32.10 14.95
C SER A 63 7.75 -31.93 15.59
N ARG A 64 8.75 -31.49 14.81
CA ARG A 64 10.09 -31.34 15.37
C ARG A 64 10.16 -30.18 16.36
N LYS A 65 9.31 -29.17 16.19
CA LYS A 65 9.22 -28.08 17.15
C LYS A 65 8.30 -28.43 18.31
N GLN A 66 7.64 -29.59 18.27
CA GLN A 66 6.82 -30.07 19.39
C GLN A 66 5.66 -29.12 19.65
N LEU A 67 5.05 -28.60 18.59
CA LEU A 67 3.90 -27.73 18.73
C LEU A 67 2.67 -28.53 19.15
N ARG A 68 1.77 -27.88 19.88
CA ARG A 68 0.57 -28.50 20.40
C ARG A 68 -0.71 -27.81 19.95
N ASP A 69 -0.75 -26.47 19.98
CA ASP A 69 -1.96 -25.73 19.65
C ASP A 69 -1.96 -25.32 18.19
N ALA A 70 -3.12 -25.48 17.55
CA ALA A 70 -3.23 -25.15 16.12
C ALA A 70 -2.90 -23.70 15.85
N GLU A 71 -3.12 -22.80 16.82
CA GLU A 71 -2.79 -21.40 16.60
C GLU A 71 -1.32 -21.22 16.25
N ALA A 72 -0.46 -22.11 16.74
CA ALA A 72 0.97 -21.99 16.48
C ALA A 72 1.34 -22.30 15.04
N LEU A 73 0.43 -22.93 14.28
CA LEU A 73 0.70 -23.19 12.88
C LEU A 73 0.64 -21.93 12.03
N TYR A 74 0.04 -20.86 12.56
CA TYR A 74 -0.18 -19.65 11.76
C TYR A 74 1.13 -19.08 11.25
N GLY A 75 2.11 -18.91 12.15
CA GLY A 75 3.38 -18.32 11.74
C GLY A 75 4.14 -19.19 10.76
N LEU A 76 4.09 -20.52 10.96
CA LEU A 76 4.76 -21.41 10.02
C LEU A 76 4.10 -21.37 8.66
N LEU A 77 2.76 -21.26 8.62
CA LEU A 77 2.06 -21.16 7.35
C LEU A 77 2.40 -19.87 6.62
N LYS A 78 2.44 -18.75 7.34
CA LYS A 78 2.80 -17.48 6.71
C LYS A 78 4.18 -17.56 6.06
N GLU A 79 5.13 -18.17 6.76
CA GLU A 79 6.48 -18.30 6.21
C GLU A 79 6.50 -19.26 5.02
N GLU A 80 5.82 -20.40 5.15
CA GLU A 80 5.80 -21.39 4.06
C GLU A 80 5.16 -20.80 2.81
N MET A 81 3.98 -20.19 2.97
CA MET A 81 3.29 -19.62 1.81
C MET A 81 3.95 -18.33 1.35
N GLY A 82 4.59 -17.60 2.27
CA GLY A 82 5.35 -16.43 1.87
C GLY A 82 6.53 -16.79 1.00
N GLU A 83 7.20 -17.90 1.30
CA GLU A 83 8.34 -18.32 0.50
C GLU A 83 7.91 -18.65 -0.93
N ILE A 84 6.73 -19.27 -1.08
CA ILE A 84 6.24 -19.64 -2.40
C ILE A 84 6.17 -18.41 -3.30
N LEU A 85 5.61 -17.31 -2.79
CA LEU A 85 5.47 -16.11 -3.60
C LEU A 85 6.79 -15.34 -3.70
N ALA A 86 7.65 -15.41 -2.68
CA ALA A 86 8.94 -14.74 -2.76
C ALA A 86 9.79 -15.28 -3.90
N LYS A 87 9.65 -16.57 -4.23
CA LYS A 87 10.41 -17.17 -5.30
C LYS A 87 10.04 -16.63 -6.68
N VAL A 88 8.89 -15.98 -6.81
CA VAL A 88 8.45 -15.46 -8.10
C VAL A 88 8.25 -13.96 -8.00
N ASP A 89 9.00 -13.31 -7.11
CA ASP A 89 8.93 -11.87 -6.89
C ASP A 89 10.10 -11.21 -7.61
N GLU A 90 9.95 -11.01 -8.91
CA GLU A 90 10.96 -10.33 -9.70
C GLU A 90 10.29 -9.37 -10.67
N PRO A 91 10.38 -8.05 -10.45
CA PRO A 91 9.72 -7.12 -11.35
C PRO A 91 10.31 -7.18 -12.74
N LEU A 92 9.49 -6.82 -13.73
CA LEU A 92 9.93 -6.79 -15.11
C LEU A 92 10.77 -5.54 -15.37
N ASN A 93 11.97 -5.74 -15.92
CA ASN A 93 12.87 -4.66 -16.28
C ASN A 93 12.98 -4.63 -17.80
N VAL A 94 12.46 -3.56 -18.41
CA VAL A 94 12.43 -3.41 -19.86
C VAL A 94 13.51 -2.43 -20.34
N GLU A 95 14.49 -2.10 -19.51
CA GLU A 95 15.45 -1.07 -19.86
C GLU A 95 16.48 -1.58 -20.86
N GLY A 96 17.01 -0.66 -21.67
CA GLY A 96 18.24 -0.89 -22.40
C GLY A 96 18.17 -1.70 -23.68
N LYS A 97 17.00 -1.73 -24.34
CA LYS A 97 16.87 -2.48 -25.58
C LYS A 97 16.18 -1.62 -26.63
N ALA A 98 16.36 -1.99 -27.89
CA ALA A 98 15.96 -1.16 -29.02
C ALA A 98 15.35 -2.03 -30.11
N PRO A 99 14.10 -2.49 -29.93
CA PRO A 99 13.25 -2.32 -28.75
C PRO A 99 13.30 -3.51 -27.81
N PHE A 100 12.76 -3.32 -26.61
CA PHE A 100 12.43 -4.43 -25.74
C PHE A 100 11.13 -5.04 -26.23
N VAL A 101 11.15 -6.30 -26.62
CA VAL A 101 9.99 -6.95 -27.22
C VAL A 101 9.32 -7.80 -26.16
N ILE A 102 8.05 -7.51 -25.90
CA ILE A 102 7.22 -8.31 -25.01
C ILE A 102 6.23 -9.08 -25.87
N LEU A 103 6.33 -10.41 -25.85
CA LEU A 103 5.38 -11.28 -26.54
C LEU A 103 4.27 -11.62 -25.55
N MET A 104 3.07 -11.11 -25.81
CA MET A 104 1.93 -11.32 -24.92
C MET A 104 1.16 -12.55 -25.37
N VAL A 105 1.14 -13.57 -24.51
CA VAL A 105 0.46 -14.83 -24.81
C VAL A 105 -0.64 -15.05 -23.79
N GLY A 106 -1.59 -15.91 -24.15
CA GLY A 106 -2.72 -16.22 -23.31
C GLY A 106 -3.98 -16.45 -24.11
N VAL A 107 -5.01 -16.97 -23.46
CA VAL A 107 -6.28 -17.23 -24.13
C VAL A 107 -7.10 -15.95 -24.11
N ASN A 108 -8.20 -15.94 -24.87
CA ASN A 108 -9.09 -14.80 -24.89
C ASN A 108 -9.96 -14.77 -23.64
N GLY A 109 -10.29 -13.56 -23.21
CA GLY A 109 -11.21 -13.35 -22.10
C GLY A 109 -10.59 -13.26 -20.73
N VAL A 110 -9.25 -13.25 -20.63
CA VAL A 110 -8.57 -13.22 -19.34
C VAL A 110 -7.95 -11.87 -19.04
N GLY A 111 -8.14 -10.87 -19.89
CA GLY A 111 -7.60 -9.55 -19.67
C GLY A 111 -6.31 -9.23 -20.42
N LYS A 112 -6.00 -9.95 -21.49
CA LYS A 112 -4.75 -9.72 -22.22
C LYS A 112 -4.76 -8.34 -22.89
N THR A 113 -5.86 -7.99 -23.55
CA THR A 113 -5.94 -6.71 -24.24
C THR A 113 -5.83 -5.55 -23.26
N THR A 114 -6.59 -5.61 -22.17
CA THR A 114 -6.53 -4.55 -21.16
C THR A 114 -5.11 -4.40 -20.62
N THR A 115 -4.43 -5.51 -20.37
CA THR A 115 -3.07 -5.45 -19.84
C THR A 115 -2.13 -4.78 -20.83
N ILE A 116 -2.27 -5.09 -22.12
CA ILE A 116 -1.44 -4.43 -23.12
C ILE A 116 -1.60 -2.92 -23.03
N GLY A 117 -2.84 -2.44 -22.97
CA GLY A 117 -3.07 -1.00 -22.90
C GLY A 117 -2.52 -0.37 -21.63
N LYS A 118 -2.73 -1.02 -20.49
CA LYS A 118 -2.24 -0.47 -19.24
C LYS A 118 -0.72 -0.44 -19.21
N LEU A 119 -0.08 -1.52 -19.67
CA LEU A 119 1.38 -1.55 -19.71
C LEU A 119 1.92 -0.46 -20.63
N ALA A 120 1.33 -0.32 -21.81
CA ALA A 120 1.78 0.73 -22.73
C ALA A 120 1.75 2.10 -22.07
N ARG A 121 0.62 2.44 -21.44
CA ARG A 121 0.50 3.72 -20.76
C ARG A 121 1.53 3.88 -19.65
N GLN A 122 1.74 2.83 -18.84
CA GLN A 122 2.72 2.91 -17.77
C GLN A 122 4.11 3.16 -18.32
N PHE A 123 4.48 2.47 -19.40
CA PHE A 123 5.81 2.68 -19.99
C PHE A 123 5.95 4.10 -20.51
N GLU A 124 4.88 4.65 -21.09
CA GLU A 124 4.93 6.03 -21.56
C GLU A 124 5.13 6.98 -20.39
N GLN A 125 4.44 6.74 -19.27
CA GLN A 125 4.64 7.56 -18.08
C GLN A 125 6.08 7.47 -17.58
N GLN A 126 6.73 6.34 -17.80
CA GLN A 126 8.12 6.16 -17.41
C GLN A 126 9.10 6.81 -18.39
N GLY A 127 8.60 7.49 -19.41
CA GLY A 127 9.44 8.19 -20.37
C GLY A 127 9.81 7.40 -21.60
N LYS A 128 9.14 6.27 -21.86
CA LYS A 128 9.46 5.41 -22.98
C LYS A 128 8.50 5.60 -24.15
N SER A 129 9.00 5.36 -25.34
CA SER A 129 8.18 5.30 -26.55
C SER A 129 7.73 3.87 -26.74
N VAL A 130 6.45 3.70 -27.06
CA VAL A 130 5.83 2.38 -27.11
C VAL A 130 5.21 2.17 -28.48
N MET A 131 5.25 0.92 -28.95
CA MET A 131 4.60 0.50 -30.17
C MET A 131 3.91 -0.83 -29.93
N LEU A 132 2.77 -1.03 -30.60
CA LEU A 132 1.99 -2.25 -30.46
C LEU A 132 1.95 -3.01 -31.79
N ALA A 133 1.87 -4.34 -31.70
CA ALA A 133 1.74 -5.21 -32.87
C ALA A 133 0.48 -6.06 -32.71
N ALA A 134 -0.42 -5.96 -33.70
CA ALA A 134 -1.69 -6.69 -33.67
C ALA A 134 -1.48 -8.08 -34.27
N GLY A 135 -0.86 -8.95 -33.48
CA GLY A 135 -0.58 -10.31 -33.91
C GLY A 135 -1.74 -11.28 -33.84
N ASP A 136 -2.90 -10.84 -33.34
CA ASP A 136 -4.11 -11.67 -33.30
C ASP A 136 -4.85 -11.48 -34.63
N THR A 137 -4.25 -12.00 -35.69
CA THR A 137 -4.53 -11.54 -37.05
C THR A 137 -5.85 -12.03 -37.62
N PHE A 138 -6.44 -13.10 -37.08
CA PHE A 138 -7.69 -13.61 -37.62
C PHE A 138 -8.92 -13.06 -36.92
N ARG A 139 -8.76 -12.21 -35.91
CA ARG A 139 -9.89 -11.63 -35.19
C ARG A 139 -9.98 -10.15 -35.56
N ALA A 140 -10.73 -9.86 -36.62
CA ALA A 140 -10.80 -8.49 -37.14
C ALA A 140 -11.25 -7.51 -36.06
N ALA A 141 -12.20 -7.92 -35.22
CA ALA A 141 -12.66 -7.03 -34.15
C ALA A 141 -11.54 -6.75 -33.15
N ALA A 142 -10.73 -7.77 -32.83
CA ALA A 142 -9.62 -7.55 -31.91
C ALA A 142 -8.57 -6.63 -32.51
N VAL A 143 -8.27 -6.79 -33.80
CA VAL A 143 -7.34 -5.89 -34.46
C VAL A 143 -7.90 -4.48 -34.50
N GLU A 144 -9.19 -4.33 -34.82
CA GLU A 144 -9.79 -3.01 -34.92
C GLU A 144 -9.77 -2.29 -33.59
N GLN A 145 -10.09 -2.99 -32.49
CA GLN A 145 -10.06 -2.36 -31.17
C GLN A 145 -8.67 -1.84 -30.86
N LEU A 146 -7.64 -2.62 -31.15
CA LEU A 146 -6.28 -2.22 -30.84
C LEU A 146 -5.87 -1.00 -31.66
N GLN A 147 -6.29 -0.96 -32.93
CA GLN A 147 -6.00 0.21 -33.77
C GLN A 147 -6.73 1.45 -33.25
N VAL A 148 -8.00 1.30 -32.89
CA VAL A 148 -8.75 2.43 -32.34
C VAL A 148 -8.09 2.93 -31.06
N TRP A 149 -7.66 2.01 -30.19
CA TRP A 149 -7.02 2.41 -28.94
C TRP A 149 -5.73 3.18 -29.19
N GLY A 150 -4.90 2.68 -30.11
CA GLY A 150 -3.65 3.35 -30.40
C GLY A 150 -3.86 4.77 -30.91
N GLN A 151 -4.86 4.96 -31.78
CA GLN A 151 -5.18 6.30 -32.24
C GLN A 151 -5.74 7.17 -31.13
N ARG A 152 -6.49 6.59 -30.19
CA ARG A 152 -6.95 7.35 -29.03
C ARG A 152 -5.76 7.85 -28.22
N ASN A 153 -4.78 6.98 -27.99
CA ASN A 153 -3.65 7.29 -27.11
C ASN A 153 -2.39 7.68 -27.87
N ASN A 154 -2.48 7.89 -29.18
CA ASN A 154 -1.33 8.31 -29.97
C ASN A 154 -0.15 7.36 -29.78
N ILE A 155 -0.42 6.07 -29.96
CA ILE A 155 0.59 5.03 -29.91
C ILE A 155 0.51 4.25 -31.21
N PRO A 156 1.61 4.07 -31.94
CA PRO A 156 1.52 3.38 -33.24
C PRO A 156 1.16 1.92 -33.06
N VAL A 157 0.35 1.41 -33.98
CA VAL A 157 -0.08 0.02 -34.00
C VAL A 157 0.23 -0.57 -35.37
N ILE A 158 1.01 -1.64 -35.40
CA ILE A 158 1.33 -2.33 -36.64
C ILE A 158 0.31 -3.44 -36.85
N ALA A 159 -0.37 -3.42 -37.99
CA ALA A 159 -1.41 -4.39 -38.27
C ALA A 159 -1.45 -4.68 -39.76
N GLN A 160 -1.97 -5.84 -40.11
CA GLN A 160 -2.17 -6.24 -41.49
C GLN A 160 -3.60 -6.76 -41.65
N HIS A 161 -3.93 -7.15 -42.88
CA HIS A 161 -5.28 -7.58 -43.22
C HIS A 161 -5.70 -8.78 -42.37
N THR A 162 -7.02 -8.95 -42.23
CA THR A 162 -7.55 -10.10 -41.53
C THR A 162 -7.03 -11.39 -42.17
N GLY A 163 -6.45 -12.25 -41.35
CA GLY A 163 -5.90 -13.50 -41.82
C GLY A 163 -4.43 -13.46 -42.17
N ALA A 164 -3.76 -12.33 -42.01
CA ALA A 164 -2.34 -12.24 -42.27
C ALA A 164 -1.58 -13.20 -41.36
N ASP A 165 -0.34 -13.50 -41.74
CA ASP A 165 0.51 -14.37 -40.94
C ASP A 165 1.00 -13.60 -39.71
N SER A 166 0.66 -14.09 -38.53
CA SER A 166 0.99 -13.37 -37.30
C SER A 166 2.51 -13.17 -37.17
N ALA A 167 3.29 -14.18 -37.55
CA ALA A 167 4.75 -14.04 -37.47
C ALA A 167 5.24 -12.93 -38.39
N SER A 168 4.63 -12.77 -39.56
CA SER A 168 5.04 -11.70 -40.47
C SER A 168 4.64 -10.32 -39.95
N VAL A 169 3.46 -10.23 -39.32
CA VAL A 169 3.04 -8.97 -38.71
C VAL A 169 4.02 -8.54 -37.64
N ILE A 170 4.43 -9.48 -36.78
CA ILE A 170 5.33 -9.15 -35.68
C ILE A 170 6.74 -8.89 -36.21
N PHE A 171 7.14 -9.58 -37.27
CA PHE A 171 8.42 -9.28 -37.92
C PHE A 171 8.45 -7.83 -38.39
N ASP A 172 7.45 -7.42 -39.16
CA ASP A 172 7.38 -6.04 -39.64
C ASP A 172 7.33 -5.07 -38.48
N ALA A 173 6.67 -5.44 -37.39
CA ALA A 173 6.57 -4.54 -36.25
C ALA A 173 7.94 -4.32 -35.61
N ILE A 174 8.74 -5.37 -35.47
CA ILE A 174 10.09 -5.20 -34.94
C ILE A 174 10.90 -4.27 -35.83
N GLN A 175 10.81 -4.46 -37.15
CA GLN A 175 11.50 -3.58 -38.07
C GLN A 175 11.06 -2.14 -37.90
N ALA A 176 9.75 -1.90 -37.86
CA ALA A 176 9.24 -0.55 -37.69
C ALA A 176 9.65 0.03 -36.34
N ALA A 177 9.65 -0.81 -35.30
CA ALA A 177 10.05 -0.34 -33.98
C ALA A 177 11.52 0.07 -33.96
N LYS A 178 12.37 -0.75 -34.56
CA LYS A 178 13.80 -0.40 -34.64
C LYS A 178 13.99 0.88 -35.45
N ALA A 179 13.23 1.03 -36.54
CA ALA A 179 13.41 2.20 -37.40
C ALA A 179 12.93 3.48 -36.73
N ARG A 180 11.98 3.39 -35.81
CA ARG A 180 11.43 4.55 -35.13
C ARG A 180 11.98 4.71 -33.71
N ASN A 181 13.06 4.00 -33.36
CA ASN A 181 13.70 4.15 -32.06
C ASN A 181 12.73 3.88 -30.92
N ILE A 182 11.91 2.86 -31.07
CA ILE A 182 10.93 2.50 -30.06
C ILE A 182 11.64 1.81 -28.90
N ASP A 183 11.22 2.14 -27.68
CA ASP A 183 11.81 1.55 -26.49
C ASP A 183 11.20 0.18 -26.18
N VAL A 184 9.89 0.06 -26.30
CA VAL A 184 9.17 -1.16 -25.95
C VAL A 184 8.17 -1.48 -27.04
N LEU A 185 8.23 -2.70 -27.56
CA LEU A 185 7.26 -3.23 -28.51
C LEU A 185 6.47 -4.32 -27.82
N ILE A 186 5.14 -4.18 -27.81
CA ILE A 186 4.25 -5.14 -27.18
C ILE A 186 3.48 -5.86 -28.28
N ALA A 187 3.74 -7.15 -28.42
CA ALA A 187 3.16 -7.94 -29.50
C ALA A 187 2.02 -8.79 -28.96
N ASP A 188 0.82 -8.53 -29.44
CA ASP A 188 -0.34 -9.35 -29.15
C ASP A 188 -0.29 -10.63 -29.98
N THR A 189 -0.97 -11.67 -29.48
CA THR A 189 -1.03 -12.95 -30.17
C THR A 189 -2.44 -13.49 -30.08
N ALA A 190 -2.72 -14.53 -30.88
CA ALA A 190 -4.02 -15.19 -30.83
C ALA A 190 -4.22 -15.91 -29.50
N GLY A 191 -5.49 -16.05 -29.10
CA GLY A 191 -5.82 -16.70 -27.85
C GLY A 191 -6.93 -17.72 -27.96
N ARG A 192 -7.03 -18.39 -29.11
CA ARG A 192 -8.02 -19.42 -29.35
C ARG A 192 -7.44 -20.76 -28.93
N LEU A 193 -8.12 -21.47 -28.02
CA LEU A 193 -7.60 -22.73 -27.55
C LEU A 193 -8.16 -23.93 -28.31
N GLN A 194 -9.15 -23.73 -29.18
CA GLN A 194 -9.56 -24.80 -30.09
C GLN A 194 -8.32 -25.21 -30.87
N ASN A 195 -7.88 -26.45 -30.71
CA ASN A 195 -6.65 -26.95 -31.34
C ASN A 195 -5.42 -26.38 -30.63
N LYS A 196 -5.05 -26.98 -29.51
CA LYS A 196 -3.80 -26.61 -28.85
C LYS A 196 -2.63 -26.65 -29.82
N SER A 197 -2.52 -27.74 -30.58
CA SER A 197 -1.34 -27.99 -31.39
C SER A 197 -1.03 -26.83 -32.32
N HIS A 198 -2.07 -26.25 -32.94
CA HIS A 198 -1.84 -25.20 -33.93
CA HIS A 198 -1.84 -25.20 -33.93
C HIS A 198 -1.37 -23.91 -33.28
N LEU A 199 -2.11 -23.42 -32.27
CA LEU A 199 -1.72 -22.18 -31.62
C LEU A 199 -0.29 -22.26 -31.11
N MET A 200 0.09 -23.41 -30.54
CA MET A 200 1.44 -23.54 -30.00
C MET A 200 2.49 -23.49 -31.09
N GLU A 201 2.24 -24.20 -32.21
CA GLU A 201 3.17 -24.13 -33.33
C GLU A 201 3.23 -22.72 -33.93
N GLU A 202 2.12 -21.98 -33.83
CA GLU A 202 2.13 -20.59 -34.27
C GLU A 202 3.06 -19.74 -33.42
N LEU A 203 3.04 -19.96 -32.10
CA LEU A 203 3.91 -19.17 -31.22
C LEU A 203 5.38 -19.51 -31.45
N LYS A 204 5.70 -20.79 -31.63
CA LYS A 204 7.08 -21.16 -31.91
C LYS A 204 7.56 -20.55 -33.22
N LYS A 205 6.68 -20.41 -34.20
CA LYS A 205 7.04 -19.75 -35.44
C LYS A 205 7.32 -18.26 -35.21
N ILE A 206 6.46 -17.60 -34.43
CA ILE A 206 6.67 -16.18 -34.12
C ILE A 206 8.05 -15.99 -33.51
N VAL A 207 8.40 -16.83 -32.53
CA VAL A 207 9.69 -16.69 -31.86
C VAL A 207 10.83 -16.93 -32.83
N ARG A 208 10.72 -17.97 -33.67
CA ARG A 208 11.77 -18.27 -34.62
C ARG A 208 12.03 -17.08 -35.55
N VAL A 209 10.96 -16.50 -36.08
CA VAL A 209 11.11 -15.39 -37.02
C VAL A 209 11.74 -14.18 -36.34
N MET A 210 11.36 -13.92 -35.09
CA MET A 210 11.94 -12.80 -34.35
C MET A 210 13.46 -12.87 -34.36
N LYS A 211 14.00 -14.05 -34.04
CA LYS A 211 15.44 -14.17 -33.84
C LYS A 211 16.24 -14.03 -35.13
N LYS A 212 15.56 -13.93 -36.28
CA LYS A 212 16.23 -13.51 -37.51
C LYS A 212 16.80 -12.10 -37.35
N LEU A 213 16.08 -11.24 -36.62
CA LEU A 213 16.45 -9.84 -36.45
C LEU A 213 17.19 -9.56 -35.15
N ASP A 214 16.89 -10.31 -34.09
CA ASP A 214 17.49 -10.05 -32.78
C ASP A 214 17.39 -11.35 -31.98
N VAL A 215 18.54 -11.99 -31.74
CA VAL A 215 18.54 -13.26 -31.03
C VAL A 215 18.00 -13.11 -29.61
N GLU A 216 18.00 -11.89 -29.07
CA GLU A 216 17.46 -11.65 -27.74
C GLU A 216 15.95 -11.53 -27.73
N ALA A 217 15.33 -11.27 -28.88
CA ALA A 217 13.87 -11.14 -28.92
C ALA A 217 13.23 -12.52 -29.01
N PRO A 218 12.09 -12.75 -28.34
CA PRO A 218 11.42 -11.81 -27.43
C PRO A 218 12.14 -11.70 -26.09
N HIS A 219 12.30 -10.48 -25.58
CA HIS A 219 12.98 -10.30 -24.31
C HIS A 219 12.11 -10.76 -23.14
N GLU A 220 10.79 -10.72 -23.32
CA GLU A 220 9.84 -11.16 -22.31
C GLU A 220 8.69 -11.88 -23.01
N VAL A 221 8.40 -13.09 -22.56
CA VAL A 221 7.19 -13.80 -22.95
C VAL A 221 6.27 -13.74 -21.74
N MET A 222 5.23 -12.91 -21.83
CA MET A 222 4.34 -12.62 -20.72
CA MET A 222 4.34 -12.62 -20.72
C MET A 222 3.01 -13.33 -20.93
N LEU A 223 2.68 -14.23 -20.00
CA LEU A 223 1.36 -14.85 -19.98
C LEU A 223 0.42 -13.99 -19.15
N THR A 224 -0.80 -13.83 -19.64
CA THR A 224 -1.86 -13.20 -18.86
C THR A 224 -2.88 -14.28 -18.53
N ILE A 225 -3.22 -14.39 -17.24
CA ILE A 225 -4.22 -15.34 -16.76
C ILE A 225 -5.15 -14.63 -15.78
N ASP A 226 -6.35 -15.19 -15.63
CA ASP A 226 -7.44 -14.56 -14.90
C ASP A 226 -7.63 -15.31 -13.57
N ALA A 227 -7.33 -14.63 -12.46
CA ALA A 227 -7.44 -15.28 -11.16
C ALA A 227 -8.86 -15.78 -10.88
N SER A 228 -9.86 -15.14 -11.48
CA SER A 228 -11.24 -15.54 -11.24
C SER A 228 -11.62 -16.82 -11.95
N THR A 229 -10.72 -17.40 -12.75
CA THR A 229 -10.97 -18.67 -13.44
C THR A 229 -10.39 -19.85 -12.67
N GLY A 230 -9.85 -19.62 -11.48
CA GLY A 230 -9.39 -20.71 -10.64
C GLY A 230 -8.35 -21.56 -11.33
N GLN A 231 -8.51 -22.88 -11.23
CA GLN A 231 -7.51 -23.81 -11.77
C GLN A 231 -7.36 -23.68 -13.27
N ASN A 232 -8.30 -23.05 -13.96
CA ASN A 232 -8.12 -22.81 -15.39
C ASN A 232 -6.89 -21.98 -15.66
N ALA A 233 -6.57 -21.03 -14.77
CA ALA A 233 -5.35 -20.25 -14.92
C ALA A 233 -4.11 -21.14 -14.86
N VAL A 234 -4.15 -22.20 -14.05
CA VAL A 234 -3.01 -23.09 -13.94
C VAL A 234 -2.87 -23.96 -15.19
N SER A 235 -3.98 -24.53 -15.67
CA SER A 235 -3.91 -25.34 -16.89
C SER A 235 -3.47 -24.48 -18.07
N GLN A 236 -3.96 -23.25 -18.17
CA GLN A 236 -3.51 -22.35 -19.23
C GLN A 236 -2.02 -22.08 -19.11
N ALA A 237 -1.52 -21.83 -17.90
CA ALA A 237 -0.11 -21.56 -17.71
C ALA A 237 0.74 -22.76 -18.12
N LYS A 238 0.33 -23.97 -17.73
CA LYS A 238 1.07 -25.16 -18.12
C LYS A 238 1.10 -25.31 -19.64
N LEU A 239 -0.02 -25.02 -20.29
CA LEU A 239 -0.11 -25.15 -21.75
C LEU A 239 0.89 -24.23 -22.44
N PHE A 240 0.82 -22.93 -22.15
CA PHE A 240 1.71 -21.99 -22.82
C PHE A 240 3.16 -22.19 -22.38
N HIS A 241 3.39 -22.60 -21.14
CA HIS A 241 4.76 -22.80 -20.67
C HIS A 241 5.44 -23.93 -21.43
N GLU A 242 4.76 -25.08 -21.56
CA GLU A 242 5.38 -26.22 -22.24
C GLU A 242 5.59 -25.94 -23.72
N ALA A 243 4.77 -25.07 -24.31
CA ALA A 243 4.89 -24.79 -25.73
C ALA A 243 5.97 -23.73 -26.00
N VAL A 244 5.97 -22.66 -25.22
CA VAL A 244 6.89 -21.56 -25.41
C VAL A 244 7.48 -21.19 -24.05
N GLY A 245 8.69 -20.65 -24.07
CA GLY A 245 9.36 -20.31 -22.83
C GLY A 245 8.79 -19.08 -22.14
N LEU A 246 7.86 -19.28 -21.21
CA LEU A 246 7.35 -18.16 -20.44
C LEU A 246 8.45 -17.58 -19.57
N THR A 247 8.51 -16.26 -19.50
CA THR A 247 9.43 -15.56 -18.62
C THR A 247 8.73 -14.65 -17.61
N GLY A 248 7.44 -14.40 -17.77
CA GLY A 248 6.69 -13.58 -16.84
C GLY A 248 5.21 -13.85 -16.92
N ILE A 249 4.52 -13.54 -15.83
CA ILE A 249 3.09 -13.76 -15.71
C ILE A 249 2.41 -12.51 -15.16
N THR A 250 1.27 -12.15 -15.74
CA THR A 250 0.38 -11.16 -15.17
C THR A 250 -0.91 -11.87 -14.78
N LEU A 251 -1.32 -11.69 -13.53
CA LEU A 251 -2.54 -12.29 -13.01
C LEU A 251 -3.54 -11.18 -12.74
N THR A 252 -4.66 -11.21 -13.46
CA THR A 252 -5.67 -10.16 -13.40
C THR A 252 -6.84 -10.57 -12.51
N LYS A 253 -7.64 -9.58 -12.14
CA LYS A 253 -8.93 -9.79 -11.50
C LYS A 253 -8.79 -10.46 -10.13
N LEU A 254 -7.74 -10.10 -9.39
CA LEU A 254 -7.64 -10.54 -8.01
C LEU A 254 -8.72 -9.91 -7.14
N ASP A 255 -9.18 -8.72 -7.50
CA ASP A 255 -10.16 -8.00 -6.70
C ASP A 255 -11.56 -8.56 -6.94
N GLY A 256 -12.29 -8.81 -5.86
CA GLY A 256 -13.65 -9.30 -5.98
C GLY A 256 -13.79 -10.77 -6.31
N THR A 257 -12.78 -11.58 -6.03
CA THR A 257 -12.86 -13.01 -6.28
C THR A 257 -12.37 -13.75 -5.04
N ALA A 258 -13.07 -14.84 -4.71
CA ALA A 258 -12.66 -15.69 -3.61
C ALA A 258 -11.61 -16.72 -4.02
N LYS A 259 -11.19 -16.72 -5.28
CA LYS A 259 -10.23 -17.71 -5.76
C LYS A 259 -8.84 -17.10 -5.90
N GLY A 260 -8.43 -16.24 -4.96
CA GLY A 260 -7.13 -15.64 -5.13
C GLY A 260 -5.99 -16.53 -4.71
N GLY A 261 -6.29 -17.69 -4.13
CA GLY A 261 -5.25 -18.62 -3.72
C GLY A 261 -4.56 -19.31 -4.88
N VAL A 262 -5.12 -19.18 -6.09
CA VAL A 262 -4.51 -19.78 -7.27
C VAL A 262 -3.10 -19.24 -7.47
N ILE A 263 -2.84 -18.01 -7.02
CA ILE A 263 -1.52 -17.42 -7.19
C ILE A 263 -0.45 -18.31 -6.56
N PHE A 264 -0.78 -18.99 -5.46
CA PHE A 264 0.19 -19.90 -4.85
C PHE A 264 0.41 -21.12 -5.73
N SER A 265 -0.64 -21.61 -6.38
CA SER A 265 -0.50 -22.74 -7.29
C SER A 265 0.33 -22.35 -8.51
N VAL A 266 0.06 -21.16 -9.08
CA VAL A 266 0.81 -20.70 -10.24
C VAL A 266 2.27 -20.47 -9.88
N ALA A 267 2.53 -19.86 -8.73
CA ALA A 267 3.89 -19.61 -8.31
C ALA A 267 4.65 -20.92 -8.09
N ASP A 268 4.04 -21.85 -7.37
CA ASP A 268 4.74 -23.07 -6.97
C ASP A 268 4.91 -24.03 -8.15
N GLN A 269 3.92 -24.12 -9.03
CA GLN A 269 3.95 -25.13 -10.08
C GLN A 269 5.00 -24.80 -11.13
N PHE A 270 5.17 -23.53 -11.47
CA PHE A 270 5.99 -23.14 -12.61
C PHE A 270 7.21 -22.32 -12.26
N GLY A 271 7.23 -21.63 -11.13
CA GLY A 271 8.39 -20.85 -10.74
C GLY A 271 8.70 -19.72 -11.68
N ILE A 272 7.73 -19.28 -12.48
CA ILE A 272 7.91 -18.16 -13.39
C ILE A 272 7.60 -16.86 -12.64
N PRO A 273 8.41 -15.81 -12.79
CA PRO A 273 8.11 -14.57 -12.08
C PRO A 273 6.72 -14.05 -12.38
N ILE A 274 6.03 -13.60 -11.35
CA ILE A 274 4.77 -12.89 -11.49
C ILE A 274 5.11 -11.41 -11.52
N ARG A 275 4.94 -10.79 -12.69
CA ARG A 275 5.39 -9.41 -12.89
C ARG A 275 4.38 -8.41 -12.36
N TYR A 276 3.09 -8.65 -12.63
CA TYR A 276 2.04 -7.73 -12.26
C TYR A 276 0.83 -8.52 -11.76
N ILE A 277 0.04 -7.86 -10.90
CA ILE A 277 -1.25 -8.37 -10.47
C ILE A 277 -2.28 -7.28 -10.73
N GLY A 278 -3.42 -7.66 -11.30
CA GLY A 278 -4.51 -6.73 -11.52
C GLY A 278 -5.48 -6.68 -10.35
N VAL A 279 -5.71 -5.51 -9.80
CA VAL A 279 -6.57 -5.36 -8.62
C VAL A 279 -7.58 -4.24 -8.85
N GLY A 280 -7.87 -3.93 -10.10
CA GLY A 280 -8.80 -2.88 -10.43
C GLY A 280 -8.74 -2.55 -11.90
N GLU A 281 -9.57 -1.58 -12.29
CA GLU A 281 -9.70 -1.19 -13.69
C GLU A 281 -8.87 0.03 -14.05
N ARG A 282 -8.32 0.75 -13.08
CA ARG A 282 -7.46 1.87 -13.39
C ARG A 282 -6.15 1.38 -13.99
N ILE A 283 -5.50 2.26 -14.76
CA ILE A 283 -4.18 1.94 -15.29
C ILE A 283 -3.24 1.56 -14.16
N GLU A 284 -3.27 2.31 -13.06
CA GLU A 284 -2.40 2.04 -11.93
C GLU A 284 -2.87 0.87 -11.09
N ASP A 285 -4.06 0.33 -11.35
CA ASP A 285 -4.51 -0.88 -10.65
C ASP A 285 -3.80 -2.13 -11.15
N LEU A 286 -3.09 -2.06 -12.27
CA LEU A 286 -2.16 -3.12 -12.67
C LEU A 286 -0.85 -2.84 -11.94
N ARG A 287 -0.70 -3.51 -10.80
CA ARG A 287 0.42 -3.15 -9.95
C ARG A 287 1.56 -4.13 -10.11
N PRO A 288 2.81 -3.69 -10.03
CA PRO A 288 3.92 -4.64 -9.94
C PRO A 288 3.73 -5.56 -8.73
N PHE A 289 3.99 -6.84 -8.94
CA PHE A 289 3.74 -7.82 -7.88
C PHE A 289 4.84 -7.72 -6.82
N LYS A 290 4.43 -7.52 -5.57
CA LYS A 290 5.33 -7.52 -4.43
C LYS A 290 4.85 -8.59 -3.46
N ALA A 291 5.65 -9.64 -3.29
CA ALA A 291 5.24 -10.77 -2.46
C ALA A 291 5.00 -10.34 -1.02
N ASP A 292 5.84 -9.44 -0.50
CA ASP A 292 5.69 -9.03 0.89
C ASP A 292 4.38 -8.30 1.12
N ASP A 293 4.03 -7.37 0.21
CA ASP A 293 2.76 -6.67 0.35
C ASP A 293 1.59 -7.65 0.32
N PHE A 294 1.65 -8.62 -0.59
CA PHE A 294 0.55 -9.56 -0.76
C PHE A 294 0.39 -10.42 0.50
N ILE A 295 1.49 -10.96 1.02
CA ILE A 295 1.43 -11.81 2.20
C ILE A 295 0.94 -11.01 3.41
N GLU A 296 1.46 -9.80 3.58
CA GLU A 296 1.08 -8.99 4.74
C GLU A 296 -0.41 -8.68 4.72
N ALA A 297 -0.95 -8.32 3.56
CA ALA A 297 -2.38 -8.06 3.47
C ALA A 297 -3.17 -9.33 3.74
N LEU A 298 -2.67 -10.46 3.26
CA LEU A 298 -3.40 -11.73 3.38
C LEU A 298 -3.40 -12.23 4.82
N PHE A 299 -2.23 -12.20 5.47
CA PHE A 299 -2.07 -12.77 6.81
C PHE A 299 -2.20 -11.76 7.93
N ALA A 300 -2.55 -10.52 7.63
CA ALA A 300 -2.67 -9.49 8.67
C ALA A 300 -3.72 -9.87 9.70
N ARG A 301 -3.42 -9.59 10.96
CA ARG A 301 -4.30 -9.91 12.08
C ARG A 301 -4.73 -8.64 12.79
N GLY B 1 -11.66 7.09 0.86
CA GLY B 1 -10.78 6.61 -0.19
C GLY B 1 -9.79 7.66 -0.65
N PHE B 2 -8.87 7.27 -1.54
CA PHE B 2 -7.83 8.19 -2.00
C PHE B 2 -8.41 9.30 -2.88
N ALA B 3 -9.49 9.03 -3.62
CA ALA B 3 -10.08 10.08 -4.46
C ALA B 3 -10.61 11.22 -3.60
N ARG B 4 -11.29 10.91 -2.51
CA ARG B 4 -11.75 11.96 -1.59
C ARG B 4 -10.56 12.67 -0.95
N LEU B 5 -9.54 11.92 -0.56
CA LEU B 5 -8.37 12.51 0.08
C LEU B 5 -7.60 13.42 -0.87
N LYS B 6 -7.53 13.05 -2.15
CA LYS B 6 -6.82 13.86 -3.14
C LYS B 6 -7.31 15.31 -3.14
N ARG B 7 -8.62 15.51 -2.98
CA ARG B 7 -9.18 16.86 -2.99
C ARG B 7 -8.49 17.78 -1.99
N SER B 8 -8.21 17.27 -0.80
CA SER B 8 -7.64 18.05 0.30
C SER B 8 -6.13 18.26 0.22
N LEU B 9 -5.43 17.60 -0.71
CA LEU B 9 -3.97 17.71 -0.78
C LEU B 9 -3.49 18.50 -1.99
N LEU B 10 -4.32 19.39 -2.53
CA LEU B 10 -3.96 20.10 -3.76
C LEU B 10 -2.67 20.90 -3.60
N LYS B 11 -2.57 21.68 -2.53
CA LYS B 11 -1.38 22.54 -2.38
C LYS B 11 -0.11 21.72 -2.21
N THR B 12 -0.17 20.63 -1.44
CA THR B 12 1.02 19.81 -1.24
C THR B 12 1.44 19.12 -2.53
N LYS B 13 0.48 18.74 -3.37
CA LYS B 13 0.79 18.08 -4.62
C LYS B 13 1.58 18.98 -5.57
N GLU B 14 1.62 20.29 -5.33
CA GLU B 14 2.42 21.17 -6.18
C GLU B 14 3.90 20.82 -6.13
N ASN B 15 4.38 20.33 -4.98
CA ASN B 15 5.79 20.07 -4.79
C ASN B 15 6.14 18.61 -4.54
N LEU B 16 5.20 17.79 -4.08
CA LEU B 16 5.43 16.38 -3.81
C LEU B 16 4.46 15.53 -4.60
N GLY B 17 4.82 14.26 -4.79
CA GLY B 17 4.00 13.34 -5.55
C GLY B 17 3.90 13.74 -7.00
N SER B 18 2.68 14.04 -7.46
CA SER B 18 2.50 14.48 -8.84
C SER B 18 3.30 15.74 -9.14
N GLY B 19 3.70 16.50 -8.11
CA GLY B 19 4.57 17.64 -8.31
C GLY B 19 5.94 17.29 -8.85
N PHE B 20 6.33 16.02 -8.78
CA PHE B 20 7.61 15.59 -9.31
C PHE B 20 7.60 15.45 -10.83
N ILE B 21 6.42 15.34 -11.44
CA ILE B 21 6.33 15.03 -12.86
C ILE B 21 6.99 16.14 -13.70
N SER B 22 6.64 17.39 -13.41
CA SER B 22 7.23 18.51 -14.15
C SER B 22 8.75 18.57 -13.98
N LEU B 23 9.25 18.13 -12.82
CA LEU B 23 10.69 18.18 -12.58
C LEU B 23 11.44 17.16 -13.45
N PHE B 24 10.85 15.99 -13.63
CA PHE B 24 11.51 14.90 -14.35
C PHE B 24 11.35 14.98 -15.86
N ARG B 25 10.36 15.73 -16.35
CA ARG B 25 9.99 15.66 -17.76
C ARG B 25 11.20 15.93 -18.64
N GLY B 26 11.56 14.96 -19.48
CA GLY B 26 12.57 15.17 -20.50
C GLY B 26 13.99 15.24 -20.02
N LYS B 27 14.26 15.01 -18.73
CA LYS B 27 15.60 15.11 -18.20
C LYS B 27 16.25 13.73 -18.10
N LYS B 28 17.58 13.74 -17.99
CA LYS B 28 18.36 12.54 -17.79
C LYS B 28 18.68 12.37 -16.31
N ILE B 29 19.10 11.15 -15.96
CA ILE B 29 19.47 10.83 -14.58
C ILE B 29 20.95 11.14 -14.42
N ASP B 30 21.25 12.22 -13.70
CA ASP B 30 22.62 12.62 -13.43
C ASP B 30 22.66 13.37 -12.10
N ASP B 31 23.85 13.83 -11.74
CA ASP B 31 24.01 14.54 -10.47
C ASP B 31 23.11 15.77 -10.40
N ASP B 32 22.99 16.51 -11.51
CA ASP B 32 22.17 17.72 -11.49
C ASP B 32 20.72 17.41 -11.14
N LEU B 33 20.17 16.34 -11.73
CA LEU B 33 18.78 15.99 -11.45
C LEU B 33 18.57 15.70 -9.97
N PHE B 34 19.44 14.88 -9.37
CA PHE B 34 19.29 14.54 -7.97
C PHE B 34 19.46 15.74 -7.07
N GLU B 35 20.33 16.69 -7.44
CA GLU B 35 20.46 17.91 -6.66
C GLU B 35 19.19 18.74 -6.71
N GLU B 36 18.59 18.87 -7.89
CA GLU B 36 17.31 19.57 -8.00
C GLU B 36 16.23 18.85 -7.18
N LEU B 37 16.17 17.53 -7.28
CA LEU B 37 15.19 16.77 -6.50
C LEU B 37 15.40 16.99 -5.01
N GLU B 38 16.65 16.86 -4.54
CA GLU B 38 16.95 17.10 -3.14
C GLU B 38 16.47 18.48 -2.71
N GLU B 39 16.79 19.50 -3.50
CA GLU B 39 16.35 20.86 -3.16
C GLU B 39 14.84 20.92 -3.01
N GLN B 40 14.11 20.31 -3.94
CA GLN B 40 12.65 20.37 -3.91
C GLN B 40 12.09 19.63 -2.69
N LEU B 41 12.71 18.51 -2.33
CA LEU B 41 12.27 17.80 -1.13
C LEU B 41 12.49 18.64 0.12
N LEU B 42 13.65 19.30 0.22
CA LEU B 42 13.93 20.15 1.37
C LEU B 42 12.96 21.33 1.43
N ILE B 43 12.67 21.94 0.27
CA ILE B 43 11.72 23.06 0.25
C ILE B 43 10.36 22.60 0.77
N ALA B 44 10.00 21.35 0.51
CA ALA B 44 8.73 20.78 0.97
C ALA B 44 8.77 20.31 2.42
N ASP B 45 9.81 20.66 3.17
CA ASP B 45 9.93 20.34 4.60
C ASP B 45 10.06 18.84 4.85
N VAL B 46 10.67 18.10 3.92
CA VAL B 46 10.92 16.69 4.15
C VAL B 46 12.03 16.47 5.17
N GLY B 47 12.91 17.44 5.34
CA GLY B 47 13.97 17.31 6.32
C GLY B 47 15.26 16.81 5.69
N VAL B 48 16.38 17.19 6.31
CA VAL B 48 17.69 16.87 5.74
C VAL B 48 17.98 15.38 5.86
N GLU B 49 17.69 14.80 7.03
CA GLU B 49 18.02 13.40 7.26
C GLU B 49 17.16 12.49 6.38
N THR B 50 15.86 12.77 6.31
CA THR B 50 14.97 11.92 5.52
C THR B 50 15.20 12.12 4.03
N THR B 51 15.48 13.36 3.60
CA THR B 51 15.81 13.60 2.21
C THR B 51 17.08 12.85 1.82
N ARG B 52 18.09 12.87 2.70
CA ARG B 52 19.32 12.13 2.43
CA ARG B 52 19.32 12.13 2.43
C ARG B 52 19.03 10.66 2.12
N LYS B 53 18.25 10.01 2.99
CA LYS B 53 17.93 8.60 2.80
C LYS B 53 17.20 8.38 1.48
N ILE B 54 16.24 9.25 1.16
CA ILE B 54 15.49 9.09 -0.09
C ILE B 54 16.41 9.20 -1.30
N ILE B 55 17.25 10.23 -1.33
CA ILE B 55 18.14 10.44 -2.47
C ILE B 55 19.10 9.28 -2.62
N THR B 56 19.68 8.82 -1.51
CA THR B 56 20.61 7.70 -1.58
C THR B 56 19.94 6.45 -2.14
N ASN B 57 18.76 6.12 -1.60
CA ASN B 57 18.07 4.91 -2.04
C ASN B 57 17.59 5.04 -3.48
N LEU B 58 17.17 6.24 -3.90
CA LEU B 58 16.74 6.43 -5.27
C LEU B 58 17.91 6.34 -6.24
N THR B 59 19.06 6.92 -5.86
CA THR B 59 20.23 6.85 -6.72
C THR B 59 20.67 5.40 -6.90
N GLU B 60 20.77 4.66 -5.80
CA GLU B 60 21.17 3.26 -5.88
C GLU B 60 20.14 2.44 -6.66
N GLY B 61 18.86 2.67 -6.41
CA GLY B 61 17.82 1.92 -7.09
C GLY B 61 17.80 2.17 -8.58
N ALA B 62 18.01 3.42 -8.98
CA ALA B 62 18.03 3.75 -10.41
C ALA B 62 19.25 3.15 -11.09
N SER B 63 20.39 3.15 -10.40
CA SER B 63 21.61 2.58 -10.97
C SER B 63 21.48 1.07 -11.14
N ARG B 64 20.97 0.39 -10.11
CA ARG B 64 20.86 -1.06 -10.17
C ARG B 64 19.82 -1.50 -11.19
N LYS B 65 18.77 -0.70 -11.40
CA LYS B 65 17.80 -0.97 -12.44
C LYS B 65 18.21 -0.43 -13.81
N GLN B 66 19.31 0.33 -13.87
CA GLN B 66 19.85 0.83 -15.13
C GLN B 66 18.86 1.74 -15.84
N LEU B 67 18.21 2.61 -15.08
CA LEU B 67 17.26 3.57 -15.65
C LEU B 67 17.99 4.62 -16.47
N ARG B 68 17.28 5.19 -17.44
CA ARG B 68 17.82 6.18 -18.36
C ARG B 68 17.08 7.50 -18.27
N ASP B 69 15.76 7.48 -18.26
CA ASP B 69 14.94 8.67 -18.30
C ASP B 69 14.53 9.08 -16.89
N ALA B 70 14.61 10.38 -16.60
CA ALA B 70 14.25 10.86 -15.27
C ALA B 70 12.80 10.51 -14.93
N GLU B 71 11.94 10.41 -15.94
CA GLU B 71 10.55 10.06 -15.71
C GLU B 71 10.43 8.71 -15.00
N ALA B 72 11.40 7.82 -15.19
CA ALA B 72 11.35 6.50 -14.57
C ALA B 72 11.60 6.55 -13.07
N LEU B 73 12.11 7.67 -12.55
CA LEU B 73 12.30 7.81 -11.11
C LEU B 73 10.99 7.97 -10.37
N TYR B 74 9.90 8.32 -11.05
CA TYR B 74 8.64 8.61 -10.38
C TYR B 74 8.16 7.41 -9.59
N GLY B 75 8.14 6.23 -10.22
CA GLY B 75 7.68 5.03 -9.53
C GLY B 75 8.59 4.63 -8.38
N LEU B 76 9.91 4.78 -8.55
CA LEU B 76 10.83 4.48 -7.46
C LEU B 76 10.65 5.45 -6.30
N LEU B 77 10.37 6.72 -6.61
CA LEU B 77 10.11 7.69 -5.55
C LEU B 77 8.84 7.36 -4.79
N LYS B 78 7.79 6.96 -5.52
CA LYS B 78 6.55 6.56 -4.88
C LYS B 78 6.77 5.40 -3.92
N GLU B 79 7.58 4.42 -4.32
CA GLU B 79 7.84 3.27 -3.46
C GLU B 79 8.68 3.66 -2.24
N GLU B 80 9.73 4.45 -2.45
CA GLU B 80 10.58 4.87 -1.34
C GLU B 80 9.79 5.65 -0.30
N MET B 81 9.01 6.63 -0.76
CA MET B 81 8.24 7.45 0.17
C MET B 81 7.04 6.68 0.72
N GLY B 82 6.53 5.72 -0.05
CA GLY B 82 5.47 4.87 0.48
C GLY B 82 5.96 3.95 1.59
N GLU B 83 7.19 3.45 1.46
CA GLU B 83 7.73 2.59 2.50
C GLU B 83 7.91 3.35 3.80
N ILE B 84 8.32 4.63 3.73
CA ILE B 84 8.50 5.43 4.94
C ILE B 84 7.21 5.49 5.72
N LEU B 85 6.09 5.75 5.04
CA LEU B 85 4.80 5.84 5.73
C LEU B 85 4.26 4.47 6.10
N ALA B 86 4.61 3.42 5.35
CA ALA B 86 4.13 2.09 5.67
C ALA B 86 4.63 1.63 7.03
N LYS B 87 5.81 2.10 7.45
CA LYS B 87 6.35 1.70 8.74
C LYS B 87 5.54 2.25 9.91
N VAL B 88 4.72 3.26 9.67
CA VAL B 88 3.94 3.88 10.75
C VAL B 88 2.46 3.82 10.40
N ASP B 89 2.08 2.79 9.63
CA ASP B 89 0.70 2.67 9.14
C ASP B 89 0.00 1.63 10.01
N GLU B 90 -0.41 2.06 11.20
CA GLU B 90 -1.12 1.23 12.17
C GLU B 90 -2.29 2.01 12.74
N PRO B 91 -3.53 1.65 12.42
CA PRO B 91 -4.67 2.43 12.92
C PRO B 91 -4.82 2.35 14.44
N LEU B 92 -5.42 3.39 15.01
CA LEU B 92 -5.73 3.40 16.43
C LEU B 92 -7.00 2.58 16.67
N ASN B 93 -6.91 1.63 17.59
CA ASN B 93 -8.05 0.81 17.99
C ASN B 93 -8.35 1.10 19.46
N VAL B 94 -9.49 1.73 19.73
CA VAL B 94 -9.87 2.11 21.08
C VAL B 94 -10.88 1.14 21.70
N GLU B 95 -11.08 -0.03 21.09
CA GLU B 95 -12.11 -0.96 21.54
C GLU B 95 -11.67 -1.74 22.78
N GLY B 96 -12.65 -2.17 23.56
CA GLY B 96 -12.43 -3.20 24.56
C GLY B 96 -11.83 -2.74 25.86
N LYS B 97 -11.99 -1.47 26.23
CA LYS B 97 -11.51 -0.96 27.49
C LYS B 97 -12.58 -0.11 28.14
N ALA B 98 -12.46 0.08 29.45
CA ALA B 98 -13.50 0.69 30.27
C ALA B 98 -12.87 1.62 31.30
N PRO B 99 -12.43 2.81 30.88
CA PRO B 99 -12.40 3.32 29.50
C PRO B 99 -11.05 3.12 28.82
N PHE B 100 -11.04 3.31 27.50
CA PHE B 100 -9.80 3.49 26.77
C PHE B 100 -9.34 4.93 26.99
N VAL B 101 -8.16 5.09 27.56
CA VAL B 101 -7.68 6.41 27.96
C VAL B 101 -6.70 6.90 26.90
N ILE B 102 -7.02 8.03 26.29
CA ILE B 102 -6.15 8.71 25.35
C ILE B 102 -5.62 9.97 26.03
N LEU B 103 -4.30 10.02 26.26
CA LEU B 103 -3.65 11.20 26.79
C LEU B 103 -3.18 12.06 25.62
N MET B 104 -3.80 13.23 25.44
CA MET B 104 -3.50 14.12 24.33
C MET B 104 -2.41 15.09 24.76
N VAL B 105 -1.24 15.01 24.10
CA VAL B 105 -0.10 15.86 24.42
C VAL B 105 0.27 16.69 23.20
N GLY B 106 0.99 17.78 23.46
CA GLY B 106 1.40 18.69 22.40
C GLY B 106 1.41 20.12 22.90
N VAL B 107 2.00 21.02 22.13
CA VAL B 107 2.07 22.41 22.57
C VAL B 107 0.79 23.12 22.19
N ASN B 108 0.59 24.32 22.74
CA ASN B 108 -0.60 25.08 22.43
C ASN B 108 -0.51 25.66 21.01
N GLY B 109 -1.66 25.76 20.36
CA GLY B 109 -1.75 26.41 19.06
C GLY B 109 -1.60 25.49 17.86
N VAL B 110 -1.56 24.18 18.04
CA VAL B 110 -1.35 23.25 16.92
C VAL B 110 -2.62 22.51 16.54
N GLY B 111 -3.75 22.81 17.16
CA GLY B 111 -4.99 22.14 16.84
C GLY B 111 -5.38 21.03 17.80
N LYS B 112 -4.84 21.04 19.03
CA LYS B 112 -5.14 19.96 19.96
C LYS B 112 -6.62 19.97 20.36
N THR B 113 -7.17 21.15 20.65
CA THR B 113 -8.57 21.23 21.07
C THR B 113 -9.51 20.74 19.97
N THR B 114 -9.32 21.24 18.76
CA THR B 114 -10.15 20.81 17.63
C THR B 114 -10.07 19.30 17.45
N THR B 115 -8.87 18.73 17.55
CA THR B 115 -8.70 17.30 17.37
C THR B 115 -9.44 16.52 18.44
N ILE B 116 -9.38 16.98 19.69
CA ILE B 116 -10.13 16.32 20.75
C ILE B 116 -11.62 16.29 20.41
N GLY B 117 -12.16 17.43 19.97
CA GLY B 117 -13.58 17.50 19.68
C GLY B 117 -13.96 16.59 18.52
N LYS B 118 -13.16 16.58 17.46
CA LYS B 118 -13.48 15.75 16.31
C LYS B 118 -13.42 14.27 16.66
N LEU B 119 -12.39 13.85 17.42
CA LEU B 119 -12.30 12.45 17.83
C LEU B 119 -13.48 12.05 18.69
N ALA B 120 -13.82 12.88 19.67
CA ALA B 120 -14.96 12.59 20.54
C ALA B 120 -16.23 12.37 19.72
N ARG B 121 -16.53 13.29 18.80
CA ARG B 121 -17.71 13.14 17.96
C ARG B 121 -17.65 11.87 17.12
N GLN B 122 -16.49 11.59 16.51
CA GLN B 122 -16.37 10.40 15.69
C GLN B 122 -16.62 9.14 16.51
N PHE B 123 -16.07 9.08 17.72
CA PHE B 123 -16.28 7.89 18.55
C PHE B 123 -17.75 7.73 18.91
N GLU B 124 -18.43 8.84 19.21
CA GLU B 124 -19.86 8.76 19.51
C GLU B 124 -20.66 8.34 18.28
N GLN B 125 -20.30 8.86 17.11
CA GLN B 125 -20.98 8.44 15.88
C GLN B 125 -20.82 6.95 15.66
N GLN B 126 -19.72 6.37 16.12
CA GLN B 126 -19.50 4.93 16.02
C GLN B 126 -20.22 4.15 17.10
N GLY B 127 -20.98 4.81 17.98
CA GLY B 127 -21.72 4.13 19.01
C GLY B 127 -21.01 4.01 20.35
N LYS B 128 -19.95 4.78 20.58
CA LYS B 128 -19.19 4.70 21.81
C LYS B 128 -19.54 5.88 22.72
N SER B 129 -19.43 5.65 24.02
CA SER B 129 -19.58 6.73 25.00
C SER B 129 -18.22 7.37 25.25
N VAL B 130 -18.21 8.70 25.30
CA VAL B 130 -16.98 9.47 25.41
C VAL B 130 -17.05 10.41 26.60
N MET B 131 -15.91 10.60 27.25
CA MET B 131 -15.79 11.58 28.33
C MET B 131 -14.47 12.34 28.14
N LEU B 132 -14.47 13.61 28.51
CA LEU B 132 -13.31 14.46 28.37
C LEU B 132 -12.81 14.89 29.74
N ALA B 133 -11.49 15.09 29.84
CA ALA B 133 -10.87 15.61 31.05
C ALA B 133 -10.11 16.87 30.69
N ALA B 134 -10.48 17.97 31.34
CA ALA B 134 -9.87 19.28 31.07
C ALA B 134 -8.59 19.40 31.88
N GLY B 135 -7.55 18.71 31.41
CA GLY B 135 -6.27 18.71 32.08
C GLY B 135 -5.40 19.92 31.83
N ASP B 136 -5.84 20.87 31.00
CA ASP B 136 -5.13 22.13 30.78
C ASP B 136 -5.59 23.14 31.84
N THR B 137 -5.20 22.85 33.08
CA THR B 137 -5.91 23.36 34.26
C THR B 137 -5.61 24.82 34.56
N PHE B 138 -4.51 25.38 34.07
CA PHE B 138 -4.13 26.74 34.39
C PHE B 138 -4.62 27.76 33.36
N ARG B 139 -5.31 27.31 32.31
CA ARG B 139 -5.84 28.17 31.26
C ARG B 139 -7.35 28.22 31.40
N ALA B 140 -7.83 29.17 32.22
CA ALA B 140 -9.25 29.23 32.55
C ALA B 140 -10.11 29.36 31.30
N ALA B 141 -9.67 30.16 30.33
CA ALA B 141 -10.43 30.33 29.10
C ALA B 141 -10.53 29.03 28.32
N ALA B 142 -9.43 28.27 28.26
CA ALA B 142 -9.45 26.98 27.56
C ALA B 142 -10.35 25.98 28.26
N VAL B 143 -10.34 25.97 29.59
CA VAL B 143 -11.22 25.06 30.34
C VAL B 143 -12.68 25.41 30.07
N GLU B 144 -13.02 26.69 30.11
CA GLU B 144 -14.41 27.10 29.89
C GLU B 144 -14.87 26.71 28.50
N GLN B 145 -14.03 26.93 27.48
CA GLN B 145 -14.39 26.57 26.12
C GLN B 145 -14.71 25.08 26.00
N LEU B 146 -13.89 24.23 26.62
CA LEU B 146 -14.12 22.79 26.55
C LEU B 146 -15.43 22.42 27.25
N GLN B 147 -15.73 23.08 28.37
CA GLN B 147 -17.00 22.83 29.05
C GLN B 147 -18.17 23.27 28.19
N VAL B 148 -18.07 24.45 27.58
CA VAL B 148 -19.12 24.92 26.69
C VAL B 148 -19.31 23.94 25.54
N TRP B 149 -18.21 23.44 24.98
CA TRP B 149 -18.31 22.48 23.88
C TRP B 149 -18.96 21.18 24.34
N GLY B 150 -18.56 20.68 25.51
CA GLY B 150 -19.15 19.44 26.01
C GLY B 150 -20.65 19.54 26.21
N GLN B 151 -21.10 20.66 26.79
CA GLN B 151 -22.54 20.87 26.95
C GLN B 151 -23.20 21.01 25.59
N ARG B 152 -22.60 21.82 24.72
CA ARG B 152 -23.16 22.05 23.40
CA ARG B 152 -23.15 22.05 23.39
C ARG B 152 -23.30 20.75 22.61
N ASN B 153 -22.51 19.72 22.93
CA ASN B 153 -22.54 18.44 22.23
C ASN B 153 -22.94 17.27 23.12
N ASN B 154 -23.41 17.52 24.34
CA ASN B 154 -23.87 16.47 25.24
C ASN B 154 -22.78 15.42 25.47
N ILE B 155 -21.57 15.89 25.80
CA ILE B 155 -20.47 15.00 26.17
C ILE B 155 -19.94 15.47 27.52
N PRO B 156 -19.85 14.59 28.52
CA PRO B 156 -19.41 15.05 29.84
C PRO B 156 -17.96 15.49 29.84
N VAL B 157 -17.68 16.55 30.61
CA VAL B 157 -16.34 17.11 30.74
C VAL B 157 -16.02 17.21 32.22
N ILE B 158 -14.93 16.58 32.64
CA ILE B 158 -14.46 16.64 34.02
C ILE B 158 -13.47 17.79 34.14
N ALA B 159 -13.74 18.72 35.06
CA ALA B 159 -12.88 19.89 35.23
C ALA B 159 -12.89 20.29 36.69
N GLN B 160 -11.83 21.00 37.09
CA GLN B 160 -11.69 21.55 38.43
C GLN B 160 -11.30 23.02 38.33
N HIS B 161 -11.15 23.64 39.50
CA HIS B 161 -10.88 25.06 39.58
C HIS B 161 -9.61 25.42 38.81
N THR B 162 -9.53 26.68 38.40
CA THR B 162 -8.33 27.18 37.74
C THR B 162 -7.12 26.94 38.64
N GLY B 163 -6.10 26.30 38.08
CA GLY B 163 -4.90 26.01 38.82
C GLY B 163 -4.88 24.67 39.51
N ALA B 164 -5.93 23.87 39.37
CA ALA B 164 -5.93 22.54 39.96
C ALA B 164 -4.79 21.71 39.39
N ASP B 165 -4.44 20.65 40.09
CA ASP B 165 -3.40 19.74 39.63
C ASP B 165 -3.95 18.91 38.48
N SER B 166 -3.31 19.00 37.31
CA SER B 166 -3.81 18.31 36.12
C SER B 166 -3.91 16.81 36.36
N ALA B 167 -2.92 16.23 37.03
CA ALA B 167 -2.96 14.81 37.32
C ALA B 167 -4.16 14.45 38.17
N SER B 168 -4.54 15.34 39.08
CA SER B 168 -5.72 15.09 39.91
C SER B 168 -7.00 15.19 39.10
N VAL B 169 -7.06 16.13 38.16
CA VAL B 169 -8.22 16.23 37.29
C VAL B 169 -8.38 14.96 36.46
N ILE B 170 -7.27 14.46 35.92
CA ILE B 170 -7.34 13.27 35.08
C ILE B 170 -7.62 12.03 35.92
N PHE B 171 -7.11 12.01 37.15
CA PHE B 171 -7.45 10.91 38.06
C PHE B 171 -8.95 10.84 38.28
N ASP B 172 -9.57 11.96 38.66
CA ASP B 172 -11.01 11.98 38.88
C ASP B 172 -11.77 11.60 37.63
N ALA B 173 -11.26 11.98 36.45
CA ALA B 173 -11.96 11.65 35.21
C ALA B 173 -11.94 10.15 34.96
N ILE B 174 -10.81 9.50 35.17
CA ILE B 174 -10.74 8.04 35.02
C ILE B 174 -11.71 7.38 36.00
N GLN B 175 -11.74 7.87 37.23
CA GLN B 175 -12.65 7.33 38.24
C GLN B 175 -14.09 7.45 37.78
N ALA B 176 -14.49 8.64 37.32
CA ALA B 176 -15.86 8.84 36.85
C ALA B 176 -16.15 8.01 35.61
N ALA B 177 -15.18 7.91 34.70
CA ALA B 177 -15.40 7.16 33.47
C ALA B 177 -15.62 5.69 33.76
N LYS B 178 -14.81 5.10 34.65
CA LYS B 178 -15.00 3.70 35.00
C LYS B 178 -16.35 3.48 35.67
N ALA B 179 -16.75 4.41 36.55
CA ALA B 179 -18.00 4.23 37.29
C ALA B 179 -19.21 4.37 36.37
N ARG B 180 -19.11 5.17 35.31
CA ARG B 180 -20.22 5.39 34.39
C ARG B 180 -20.10 4.53 33.14
N ASN B 181 -19.19 3.57 33.11
CA ASN B 181 -19.05 2.63 32.00
CA ASN B 181 -19.05 2.63 32.00
C ASN B 181 -18.79 3.38 30.69
N ILE B 182 -17.90 4.37 30.74
CA ILE B 182 -17.53 5.15 29.57
C ILE B 182 -16.55 4.35 28.73
N ASP B 183 -16.72 4.41 27.40
CA ASP B 183 -15.87 3.63 26.51
C ASP B 183 -14.52 4.29 26.30
N VAL B 184 -14.50 5.60 26.09
CA VAL B 184 -13.26 6.31 25.75
C VAL B 184 -13.17 7.57 26.59
N LEU B 185 -12.03 7.75 27.25
CA LEU B 185 -11.71 8.97 27.98
C LEU B 185 -10.58 9.68 27.25
N ILE B 186 -10.81 10.94 26.88
CA ILE B 186 -9.82 11.76 26.19
C ILE B 186 -9.38 12.85 27.16
N ALA B 187 -8.12 12.81 27.57
CA ALA B 187 -7.61 13.73 28.58
C ALA B 187 -6.77 14.80 27.90
N ASP B 188 -7.21 16.05 28.03
CA ASP B 188 -6.44 17.19 27.58
C ASP B 188 -5.30 17.47 28.57
N THR B 189 -4.25 18.13 28.08
CA THR B 189 -3.10 18.45 28.91
C THR B 189 -2.64 19.87 28.61
N ALA B 190 -1.76 20.37 29.47
CA ALA B 190 -1.15 21.67 29.26
C ALA B 190 -0.25 21.63 28.03
N GLY B 191 -0.09 22.78 27.39
CA GLY B 191 0.73 22.88 26.19
C GLY B 191 1.66 24.07 26.22
N ARG B 192 2.13 24.42 27.42
CA ARG B 192 2.98 25.59 27.62
C ARG B 192 4.43 25.23 27.34
N LEU B 193 5.02 25.88 26.35
CA LEU B 193 6.39 25.61 25.93
C LEU B 193 7.40 26.58 26.52
N GLN B 194 6.95 27.60 27.26
CA GLN B 194 7.88 28.51 27.93
C GLN B 194 8.91 27.75 28.74
N ASN B 195 8.49 26.71 29.45
CA ASN B 195 9.38 25.91 30.31
C ASN B 195 9.20 24.46 29.91
N LYS B 196 10.13 23.94 29.09
CA LYS B 196 10.02 22.58 28.60
CA LYS B 196 10.02 22.58 28.59
C LYS B 196 10.03 21.57 29.74
N SER B 197 11.08 21.62 30.58
CA SER B 197 11.22 20.65 31.66
C SER B 197 9.97 20.61 32.54
N HIS B 198 9.38 21.77 32.82
CA HIS B 198 8.19 21.81 33.67
C HIS B 198 7.06 21.00 33.06
N LEU B 199 6.75 21.25 31.79
CA LEU B 199 5.64 20.53 31.16
C LEU B 199 5.93 19.03 31.08
N MET B 200 7.18 18.65 30.78
CA MET B 200 7.49 17.24 30.65
C MET B 200 7.35 16.51 31.98
N GLU B 201 7.84 17.10 33.07
CA GLU B 201 7.65 16.49 34.38
C GLU B 201 6.18 16.43 34.76
N GLU B 202 5.38 17.39 34.29
CA GLU B 202 3.95 17.34 34.54
C GLU B 202 3.32 16.12 33.87
N LEU B 203 3.74 15.80 32.65
CA LEU B 203 3.18 14.64 31.95
C LEU B 203 3.58 13.35 32.63
N LYS B 204 4.84 13.22 33.05
CA LYS B 204 5.28 12.01 33.73
C LYS B 204 4.53 11.82 35.04
N LYS B 205 4.17 12.92 35.71
CA LYS B 205 3.34 12.83 36.91
C LYS B 205 1.93 12.33 36.56
N ILE B 206 1.35 12.86 35.48
CA ILE B 206 0.02 12.41 35.06
C ILE B 206 0.01 10.91 34.84
N VAL B 207 1.04 10.39 34.16
CA VAL B 207 1.08 8.96 33.86
C VAL B 207 1.13 8.15 35.16
N ARG B 208 1.99 8.55 36.09
CA ARG B 208 2.08 7.85 37.37
CA ARG B 208 2.08 7.85 37.37
C ARG B 208 0.74 7.83 38.08
N VAL B 209 0.08 8.98 38.17
CA VAL B 209 -1.19 9.06 38.88
C VAL B 209 -2.25 8.19 38.20
N MET B 210 -2.24 8.18 36.87
CA MET B 210 -3.17 7.31 36.15
C MET B 210 -3.07 5.87 36.61
N LYS B 211 -1.84 5.36 36.70
CA LYS B 211 -1.65 3.94 36.96
C LYS B 211 -2.01 3.56 38.39
N LYS B 212 -2.33 4.52 39.26
CA LYS B 212 -2.95 4.20 40.54
C LYS B 212 -4.30 3.53 40.33
N LEU B 213 -5.05 3.96 39.31
CA LEU B 213 -6.36 3.42 39.02
C LEU B 213 -6.36 2.35 37.94
N ASP B 214 -5.42 2.41 36.99
CA ASP B 214 -5.39 1.44 35.90
C ASP B 214 -3.97 1.41 35.35
N VAL B 215 -3.24 0.33 35.63
CA VAL B 215 -1.85 0.24 35.19
C VAL B 215 -1.74 0.27 33.67
N GLU B 216 -2.84 -0.02 32.96
CA GLU B 216 -2.83 0.02 31.51
C GLU B 216 -2.97 1.43 30.96
N ALA B 217 -3.45 2.37 31.78
CA ALA B 217 -3.63 3.74 31.33
C ALA B 217 -2.30 4.49 31.43
N PRO B 218 -2.01 5.41 30.48
CA PRO B 218 -2.81 5.71 29.30
C PRO B 218 -2.64 4.62 28.24
N HIS B 219 -3.74 4.20 27.60
CA HIS B 219 -3.63 3.19 26.56
C HIS B 219 -3.04 3.77 25.29
N GLU B 220 -3.19 5.08 25.09
CA GLU B 220 -2.64 5.79 23.94
C GLU B 220 -2.12 7.13 24.42
N VAL B 221 -0.88 7.44 24.09
CA VAL B 221 -0.31 8.77 24.29
C VAL B 221 -0.22 9.40 22.91
N MET B 222 -1.14 10.31 22.61
CA MET B 222 -1.31 10.90 21.29
C MET B 222 -0.70 12.30 21.25
N LEU B 223 0.26 12.49 20.36
CA LEU B 223 0.80 13.83 20.07
C LEU B 223 0.04 14.45 18.91
N THR B 224 -0.26 15.74 19.03
CA THR B 224 -0.81 16.53 17.94
C THR B 224 0.22 17.56 17.51
N ILE B 225 0.49 17.61 16.21
CA ILE B 225 1.39 18.60 15.63
C ILE B 225 0.76 19.17 14.37
N ASP B 226 1.23 20.34 13.97
CA ASP B 226 0.64 21.12 12.89
C ASP B 226 1.54 20.98 11.67
N ALA B 227 1.05 20.28 10.64
CA ALA B 227 1.85 19.99 9.45
C ALA B 227 2.31 21.27 8.75
N SER B 228 1.57 22.36 8.90
CA SER B 228 1.93 23.63 8.27
C SER B 228 3.03 24.38 9.02
N THR B 229 3.49 23.88 10.16
CA THR B 229 4.54 24.54 10.93
C THR B 229 5.94 24.00 10.63
N GLY B 230 6.06 23.13 9.62
CA GLY B 230 7.38 22.74 9.17
C GLY B 230 8.23 22.14 10.26
N GLN B 231 9.48 22.62 10.34
CA GLN B 231 10.44 22.06 11.28
C GLN B 231 9.99 22.21 12.73
N ASN B 232 9.07 23.14 13.02
CA ASN B 232 8.55 23.25 14.38
C ASN B 232 7.81 21.99 14.79
N ALA B 233 7.08 21.39 13.85
CA ALA B 233 6.37 20.15 14.15
C ALA B 233 7.35 19.01 14.46
N VAL B 234 8.50 19.00 13.78
CA VAL B 234 9.46 17.92 14.00
C VAL B 234 10.16 18.10 15.34
N SER B 235 10.54 19.32 15.69
CA SER B 235 11.17 19.58 16.98
C SER B 235 10.23 19.24 18.13
N GLN B 236 8.95 19.59 17.97
CA GLN B 236 7.96 19.25 18.99
C GLN B 236 7.84 17.73 19.15
N ALA B 237 7.80 17.00 18.04
CA ALA B 237 7.70 15.55 18.12
C ALA B 237 8.92 14.96 18.82
N LYS B 238 10.12 15.44 18.49
CA LYS B 238 11.31 14.94 19.16
C LYS B 238 11.25 15.23 20.65
N LEU B 239 10.79 16.42 21.03
CA LEU B 239 10.71 16.77 22.45
C LEU B 239 9.78 15.83 23.20
N PHE B 240 8.54 15.71 22.73
CA PHE B 240 7.59 14.84 23.42
C PHE B 240 7.98 13.37 23.30
N HIS B 241 8.63 12.98 22.21
CA HIS B 241 9.07 11.60 22.07
C HIS B 241 10.10 11.25 23.13
N GLU B 242 11.12 12.09 23.28
CA GLU B 242 12.17 11.83 24.26
C GLU B 242 11.67 11.98 25.69
N ALA B 243 10.64 12.80 25.91
CA ALA B 243 10.15 13.04 27.27
C ALA B 243 9.16 11.97 27.71
N VAL B 244 8.20 11.61 26.85
CA VAL B 244 7.14 10.69 27.20
C VAL B 244 7.00 9.65 26.10
N GLY B 245 6.50 8.47 26.46
CA GLY B 245 6.34 7.40 25.50
C GLY B 245 5.17 7.62 24.56
N LEU B 246 5.42 8.26 23.44
CA LEU B 246 4.38 8.45 22.44
C LEU B 246 4.00 7.10 21.82
N THR B 247 2.70 6.91 21.60
CA THR B 247 2.21 5.72 20.88
C THR B 247 1.44 6.07 19.62
N GLY B 248 1.11 7.34 19.40
CA GLY B 248 0.42 7.76 18.19
C GLY B 248 0.61 9.24 17.94
N ILE B 249 0.48 9.62 16.67
CA ILE B 249 0.63 11.02 16.26
C ILE B 249 -0.53 11.40 15.36
N THR B 250 -1.07 12.60 15.59
CA THR B 250 -2.04 13.24 14.71
C THR B 250 -1.42 14.50 14.13
N LEU B 251 -1.48 14.65 12.81
CA LEU B 251 -0.96 15.83 12.12
C LEU B 251 -2.11 16.61 11.52
N THR B 252 -2.25 17.87 11.91
CA THR B 252 -3.35 18.71 11.45
C THR B 252 -2.90 19.62 10.30
N LYS B 253 -3.90 20.17 9.60
CA LYS B 253 -3.70 21.23 8.63
C LYS B 253 -2.81 20.79 7.46
N LEU B 254 -2.95 19.53 7.04
CA LEU B 254 -2.27 19.09 5.83
C LEU B 254 -2.80 19.81 4.60
N ASP B 255 -4.04 20.28 4.65
CA ASP B 255 -4.67 20.95 3.51
C ASP B 255 -4.23 22.40 3.34
N GLY B 256 -3.59 23.01 4.35
CA GLY B 256 -3.22 24.40 4.25
C GLY B 256 -1.73 24.69 4.07
N THR B 257 -0.96 23.71 3.59
CA THR B 257 0.46 23.93 3.35
C THR B 257 0.88 23.31 2.03
N ALA B 258 1.76 24.01 1.31
CA ALA B 258 2.39 23.46 0.12
C ALA B 258 3.67 22.69 0.46
N LYS B 259 4.03 22.65 1.73
CA LYS B 259 5.20 21.94 2.24
C LYS B 259 4.79 20.72 3.08
N GLY B 260 4.12 19.76 2.44
CA GLY B 260 3.59 18.58 3.10
C GLY B 260 4.61 17.53 3.50
N GLY B 261 5.90 17.86 3.49
CA GLY B 261 6.93 16.89 3.83
C GLY B 261 7.04 16.54 5.31
N VAL B 262 6.38 17.27 6.21
CA VAL B 262 6.53 16.99 7.64
C VAL B 262 6.12 15.56 7.97
N ILE B 263 5.05 15.08 7.33
CA ILE B 263 4.56 13.74 7.67
C ILE B 263 5.65 12.70 7.40
N PHE B 264 6.45 12.91 6.35
CA PHE B 264 7.52 11.96 6.03
C PHE B 264 8.66 12.08 7.02
N SER B 265 9.01 13.31 7.42
CA SER B 265 10.08 13.48 8.39
C SER B 265 9.72 12.84 9.73
N VAL B 266 8.50 13.07 10.20
CA VAL B 266 8.06 12.52 11.49
C VAL B 266 8.03 10.99 11.42
N ALA B 267 7.52 10.44 10.34
CA ALA B 267 7.44 8.99 10.22
C ALA B 267 8.83 8.36 10.23
N ASP B 268 9.76 8.93 9.46
CA ASP B 268 11.08 8.31 9.31
C ASP B 268 11.93 8.51 10.57
N GLN B 269 11.86 9.69 11.18
CA GLN B 269 12.76 9.99 12.30
C GLN B 269 12.36 9.26 13.56
N PHE B 270 11.05 9.11 13.82
CA PHE B 270 10.59 8.61 15.11
C PHE B 270 9.86 7.28 15.04
N GLY B 271 9.31 6.90 13.89
CA GLY B 271 8.66 5.61 13.78
C GLY B 271 7.45 5.42 14.66
N ILE B 272 6.80 6.50 15.09
CA ILE B 272 5.59 6.41 15.88
C ILE B 272 4.40 6.32 14.93
N PRO B 273 3.43 5.44 15.17
CA PRO B 273 2.29 5.32 14.25
C PRO B 273 1.58 6.66 14.07
N ILE B 274 1.22 6.95 12.82
CA ILE B 274 0.42 8.12 12.49
C ILE B 274 -1.04 7.69 12.49
N ARG B 275 -1.80 8.19 13.46
CA ARG B 275 -3.17 7.73 13.66
C ARG B 275 -4.18 8.47 12.81
N TYR B 276 -4.05 9.79 12.71
CA TYR B 276 -5.00 10.62 11.98
C TYR B 276 -4.27 11.75 11.28
N ILE B 277 -4.85 12.21 10.18
CA ILE B 277 -4.39 13.42 9.50
C ILE B 277 -5.59 14.32 9.32
N GLY B 278 -5.43 15.59 9.68
CA GLY B 278 -6.47 16.58 9.48
C GLY B 278 -6.29 17.25 8.13
N VAL B 279 -7.34 17.23 7.31
CA VAL B 279 -7.23 17.74 5.95
C VAL B 279 -8.38 18.69 5.64
N GLY B 280 -8.95 19.28 6.68
CA GLY B 280 -10.08 20.17 6.50
C GLY B 280 -10.70 20.52 7.84
N GLU B 281 -11.76 21.33 7.76
CA GLU B 281 -12.39 21.88 8.95
C GLU B 281 -13.59 21.07 9.41
N ARG B 282 -14.13 20.18 8.57
CA ARG B 282 -15.23 19.33 8.97
C ARG B 282 -14.79 18.29 9.98
N ILE B 283 -15.76 17.78 10.74
CA ILE B 283 -15.47 16.71 11.68
C ILE B 283 -14.83 15.53 10.96
N GLU B 284 -15.36 15.17 9.80
CA GLU B 284 -14.86 14.03 9.05
C GLU B 284 -13.54 14.31 8.35
N ASP B 285 -13.09 15.56 8.33
CA ASP B 285 -11.79 15.87 7.74
C ASP B 285 -10.62 15.46 8.62
N LEU B 286 -10.86 15.06 9.87
CA LEU B 286 -9.85 14.37 10.66
C LEU B 286 -9.98 12.90 10.28
N ARG B 287 -9.16 12.48 9.33
CA ARG B 287 -9.30 11.17 8.70
CA ARG B 287 -9.30 11.17 8.71
C ARG B 287 -8.38 10.16 9.35
N PRO B 288 -8.86 8.95 9.65
CA PRO B 288 -7.94 7.88 10.05
C PRO B 288 -6.86 7.74 8.98
N PHE B 289 -5.61 7.63 9.41
CA PHE B 289 -4.49 7.64 8.48
C PHE B 289 -4.36 6.29 7.78
N LYS B 290 -4.36 6.32 6.46
CA LYS B 290 -4.07 5.16 5.63
C LYS B 290 -2.91 5.54 4.71
N ALA B 291 -1.74 4.94 4.95
CA ALA B 291 -0.54 5.33 4.22
C ALA B 291 -0.71 5.10 2.72
N ASP B 292 -1.34 3.99 2.33
CA ASP B 292 -1.50 3.69 0.91
C ASP B 292 -2.47 4.67 0.24
N ASP B 293 -3.58 4.98 0.90
CA ASP B 293 -4.48 6.01 0.37
C ASP B 293 -3.76 7.34 0.24
N PHE B 294 -2.93 7.68 1.23
CA PHE B 294 -2.23 8.96 1.20
C PHE B 294 -1.27 9.04 0.02
N ILE B 295 -0.49 7.98 -0.19
CA ILE B 295 0.46 7.96 -1.30
C ILE B 295 -0.27 8.01 -2.62
N GLU B 296 -1.35 7.24 -2.76
CA GLU B 296 -2.10 7.24 -4.02
C GLU B 296 -2.68 8.62 -4.30
N ALA B 297 -3.23 9.27 -3.29
CA ALA B 297 -3.75 10.62 -3.47
C ALA B 297 -2.63 11.59 -3.83
N LEU B 298 -1.47 11.42 -3.20
CA LEU B 298 -0.36 12.34 -3.41
C LEU B 298 0.24 12.17 -4.80
N PHE B 299 0.41 10.93 -5.24
CA PHE B 299 1.08 10.64 -6.50
C PHE B 299 0.13 10.45 -7.66
N ALA B 300 -1.18 10.64 -7.47
CA ALA B 300 -2.12 10.44 -8.57
C ALA B 300 -1.79 11.43 -9.68
N ARG B 301 -1.76 10.94 -10.92
CA ARG B 301 -1.43 11.76 -12.07
C ARG B 301 -2.52 11.70 -13.14
#